data_7LTW
#
_entry.id   7LTW
#
_cell.length_a   109.137
_cell.length_b   48.444
_cell.length_c   44.102
_cell.angle_alpha   90.000
_cell.angle_beta   107.006
_cell.angle_gamma   90.000
#
_symmetry.space_group_name_H-M   'C 1 2 1'
#
loop_
_entity.id
_entity.type
_entity.pdbx_description
1 polymer 'Kin of IRRE-like protein 2'
2 non-polymer 'SODIUM ION'
3 water water
#
_entity_poly.entity_id   1
_entity_poly.type   'polypeptide(L)'
_entity_poly.pdbx_seq_one_letter_code
;ADPHFLQQPEDMVVLLGEEARLPCALGAYRGLVQWTKDGLALGGERDLPGWSRYWISGNSASGQHDLHIKPVELEDEASY
ECQASQAGLRSRPAQLHVMVPHHHHHH
;
_entity_poly.pdbx_strand_id   A,B
#
loop_
_chem_comp.id
_chem_comp.type
_chem_comp.name
_chem_comp.formula
NA non-polymer 'SODIUM ION' 'Na 1'
#
# COMPACT_ATOMS: atom_id res chain seq x y z
N ALA A 1 9.72 -2.99 23.05
CA ALA A 1 8.38 -3.36 22.62
C ALA A 1 8.35 -3.68 21.14
N ASP A 2 7.39 -4.52 20.73
CA ASP A 2 7.13 -4.71 19.31
C ASP A 2 6.40 -3.49 18.77
N PRO A 3 6.52 -3.21 17.47
CA PRO A 3 5.73 -2.12 16.88
C PRO A 3 4.25 -2.29 17.20
N HIS A 4 3.59 -1.18 17.56
CA HIS A 4 2.20 -1.21 17.95
C HIS A 4 1.55 0.13 17.68
N PHE A 5 0.23 0.13 17.51
CA PHE A 5 -0.51 1.37 17.34
C PHE A 5 -0.72 2.06 18.67
N LEU A 6 -0.44 3.36 18.70
CA LEU A 6 -0.83 4.22 19.82
C LEU A 6 -2.11 4.98 19.54
N GLN A 7 -2.43 5.22 18.27
CA GLN A 7 -3.71 5.81 17.89
C GLN A 7 -4.10 5.26 16.53
N GLN A 8 -5.38 4.95 16.37
CA GLN A 8 -5.87 4.44 15.10
C GLN A 8 -7.04 5.30 14.63
N PRO A 9 -7.26 5.39 13.32
CA PRO A 9 -8.38 6.18 12.82
C PRO A 9 -9.70 5.47 13.04
N GLU A 10 -10.78 6.24 12.96
CA GLU A 10 -12.11 5.66 13.07
C GLU A 10 -13.02 6.30 12.03
N ASP A 11 -14.18 5.68 11.83
CA ASP A 11 -15.18 6.21 10.90
C ASP A 11 -15.45 7.68 11.21
N MET A 12 -15.62 8.47 10.16
CA MET A 12 -15.86 9.89 10.35
C MET A 12 -16.65 10.43 9.17
N VAL A 13 -17.44 11.47 9.43
CA VAL A 13 -18.20 12.18 8.43
C VAL A 13 -17.68 13.61 8.36
N VAL A 14 -17.37 14.07 7.16
CA VAL A 14 -16.80 15.41 6.97
C VAL A 14 -17.64 16.15 5.95
N LEU A 15 -17.88 17.43 6.21
CA LEU A 15 -18.63 18.26 5.30
C LEU A 15 -17.81 18.53 4.03
N LEU A 16 -18.47 18.42 2.87
CA LEU A 16 -17.80 18.68 1.60
C LEU A 16 -17.07 20.03 1.65
N GLY A 17 -15.80 20.02 1.25
CA GLY A 17 -15.01 21.23 1.18
C GLY A 17 -14.20 21.55 2.43
N GLU A 18 -14.42 20.84 3.54
CA GLU A 18 -13.67 21.08 4.76
C GLU A 18 -12.39 20.25 4.76
N GLU A 19 -11.62 20.34 5.84
CA GLU A 19 -10.41 19.56 6.02
C GLU A 19 -10.72 18.35 6.90
N ALA A 20 -10.20 17.19 6.50
CA ALA A 20 -10.32 15.97 7.29
C ALA A 20 -8.96 15.59 7.85
N ARG A 21 -8.95 15.09 9.09
CA ARG A 21 -7.77 14.51 9.70
C ARG A 21 -8.10 13.09 10.12
N LEU A 22 -7.40 12.12 9.54
CA LEU A 22 -7.51 10.74 9.99
C LEU A 22 -6.29 10.42 10.84
N PRO A 23 -6.42 10.23 12.14
CA PRO A 23 -5.24 10.12 12.99
C PRO A 23 -4.61 8.73 12.95
N CYS A 24 -3.30 8.72 13.13
CA CYS A 24 -2.55 7.48 13.26
C CYS A 24 -1.27 7.75 14.04
N ALA A 25 -0.97 6.90 15.01
CA ALA A 25 0.27 7.00 15.75
C ALA A 25 0.78 5.59 16.02
N LEU A 26 2.10 5.42 15.89
CA LEU A 26 2.74 4.13 16.10
C LEU A 26 3.85 4.27 17.14
N GLY A 27 3.95 3.28 18.02
CA GLY A 27 5.02 3.19 18.99
C GLY A 27 6.01 2.10 18.61
N ALA A 28 7.28 2.34 18.94
CA ALA A 28 8.35 1.35 18.78
C ALA A 28 8.49 0.92 17.32
N TYR A 29 8.44 1.89 16.42
CA TYR A 29 8.56 1.63 14.98
C TYR A 29 9.15 2.85 14.31
N ARG A 30 10.23 2.68 13.55
CA ARG A 30 10.85 3.79 12.84
CA ARG A 30 10.86 3.79 12.84
C ARG A 30 10.89 3.59 11.33
N GLY A 31 10.28 2.52 10.82
CA GLY A 31 10.26 2.26 9.40
C GLY A 31 9.17 3.01 8.65
N LEU A 32 8.87 2.51 7.45
CA LEU A 32 7.93 3.18 6.56
C LEU A 32 6.49 3.08 7.08
N VAL A 33 5.79 4.22 7.09
CA VAL A 33 4.37 4.28 7.42
C VAL A 33 3.62 4.88 6.23
N GLN A 34 2.51 4.26 5.84
CA GLN A 34 1.72 4.86 4.77
C GLN A 34 0.24 4.52 4.94
N TRP A 35 -0.58 5.20 4.15
CA TRP A 35 -2.02 5.04 4.17
C TRP A 35 -2.50 4.35 2.90
N THR A 36 -3.54 3.53 3.04
CA THR A 36 -4.23 3.01 1.88
C THR A 36 -5.65 3.57 1.82
N LYS A 37 -6.13 3.76 0.60
CA LYS A 37 -7.46 4.30 0.32
C LYS A 37 -8.17 3.27 -0.55
N ASP A 38 -9.13 2.56 0.02
CA ASP A 38 -9.77 1.41 -0.64
C ASP A 38 -8.72 0.44 -1.19
N GLY A 39 -7.67 0.21 -0.42
CA GLY A 39 -6.63 -0.72 -0.83
C GLY A 39 -5.55 -0.16 -1.72
N LEU A 40 -5.65 1.11 -2.12
CA LEU A 40 -4.62 1.76 -2.93
C LEU A 40 -3.66 2.47 -1.98
N ALA A 41 -2.40 2.03 -1.98
CA ALA A 41 -1.40 2.69 -1.13
C ALA A 41 -1.05 4.05 -1.69
N LEU A 42 -1.12 5.07 -0.83
CA LEU A 42 -0.88 6.44 -1.27
C LEU A 42 0.59 6.80 -1.34
N GLY A 43 1.44 6.09 -0.61
CA GLY A 43 2.86 6.38 -0.57
C GLY A 43 3.31 6.84 0.81
N GLY A 44 4.63 6.88 0.97
CA GLY A 44 5.23 7.18 2.26
C GLY A 44 5.81 8.58 2.40
N GLU A 45 6.07 9.27 1.29
CA GLU A 45 6.60 10.63 1.40
C GLU A 45 5.57 11.53 2.05
N ARG A 46 6.03 12.35 3.00
CA ARG A 46 5.07 13.07 3.85
C ARG A 46 4.27 14.08 3.06
N ASP A 47 4.80 14.58 1.95
CA ASP A 47 4.02 15.47 1.11
C ASP A 47 3.03 14.73 0.22
N LEU A 48 3.08 13.39 0.21
CA LEU A 48 2.28 12.54 -0.68
C LEU A 48 2.25 13.10 -2.09
N PRO A 49 3.36 13.06 -2.81
CA PRO A 49 3.37 13.56 -4.19
C PRO A 49 2.44 12.75 -5.07
N GLY A 50 1.80 13.45 -6.02
CA GLY A 50 0.78 12.86 -6.84
C GLY A 50 -0.64 13.05 -6.33
N TRP A 51 -0.79 13.45 -5.08
CA TRP A 51 -2.10 13.64 -4.43
C TRP A 51 -2.14 15.08 -3.93
N SER A 52 -2.65 15.99 -4.77
CA SER A 52 -2.50 17.42 -4.51
C SER A 52 -3.21 17.87 -3.24
N ARG A 53 -4.21 17.12 -2.76
CA ARG A 53 -4.98 17.50 -1.58
C ARG A 53 -4.67 16.65 -0.35
N TYR A 54 -3.73 15.70 -0.44
CA TYR A 54 -3.39 14.83 0.68
C TYR A 54 -1.98 15.11 1.17
N TRP A 55 -1.78 14.97 2.48
CA TRP A 55 -0.45 14.98 3.06
C TRP A 55 -0.49 14.29 4.41
N ILE A 56 0.68 13.89 4.89
CA ILE A 56 0.83 13.27 6.20
C ILE A 56 1.45 14.29 7.14
N SER A 57 0.81 14.52 8.28
CA SER A 57 1.27 15.53 9.22
C SER A 57 1.78 14.88 10.50
N GLY A 58 2.67 15.59 11.16
CA GLY A 58 3.27 15.10 12.38
C GLY A 58 4.74 14.78 12.18
N ASN A 59 5.49 14.83 13.28
CA ASN A 59 6.89 14.45 13.24
C ASN A 59 6.99 12.95 13.42
N SER A 60 7.62 12.27 12.44
CA SER A 60 7.79 10.83 12.52
C SER A 60 8.64 10.41 13.72
N ALA A 61 9.37 11.34 14.32
CA ALA A 61 10.10 11.05 15.55
C ALA A 61 9.13 10.72 16.68
N SER A 62 8.12 11.56 16.89
CA SER A 62 7.10 11.28 17.88
C SER A 62 6.24 10.09 17.49
N GLY A 63 6.24 9.70 16.22
CA GLY A 63 5.46 8.56 15.77
C GLY A 63 4.06 8.87 15.34
N GLN A 64 3.74 10.13 15.04
CA GLN A 64 2.42 10.51 14.56
C GLN A 64 2.44 10.57 13.04
N HIS A 65 1.43 9.98 12.40
CA HIS A 65 1.36 9.87 10.96
C HIS A 65 -0.07 10.15 10.49
N ASP A 66 -0.60 11.32 10.85
CA ASP A 66 -1.98 11.65 10.53
C ASP A 66 -2.13 11.96 9.04
N LEU A 67 -3.17 11.40 8.42
CA LEU A 67 -3.52 11.74 7.04
C LEU A 67 -4.43 12.95 7.03
N HIS A 68 -4.06 13.96 6.24
CA HIS A 68 -4.87 15.17 6.08
C HIS A 68 -5.36 15.27 4.65
N ILE A 69 -6.61 15.72 4.50
CA ILE A 69 -7.24 15.93 3.20
C ILE A 69 -7.85 17.32 3.22
N LYS A 70 -7.47 18.16 2.26
CA LYS A 70 -8.02 19.51 2.19
C LYS A 70 -7.90 20.05 0.77
N PRO A 71 -9.00 20.46 0.15
CA PRO A 71 -10.36 20.30 0.67
C PRO A 71 -10.92 18.91 0.37
N VAL A 72 -11.85 18.46 1.21
CA VAL A 72 -12.46 17.15 1.03
C VAL A 72 -13.43 17.20 -0.15
N GLU A 73 -13.33 16.20 -1.03
CA GLU A 73 -14.19 16.06 -2.19
C GLU A 73 -14.91 14.72 -2.13
N LEU A 74 -15.97 14.59 -2.93
CA LEU A 74 -16.74 13.35 -2.94
C LEU A 74 -15.87 12.14 -3.26
N GLU A 75 -14.87 12.31 -4.12
CA GLU A 75 -14.01 11.19 -4.49
C GLU A 75 -13.16 10.69 -3.33
N ASP A 76 -13.17 11.39 -2.19
CA ASP A 76 -12.42 10.94 -1.02
C ASP A 76 -13.17 9.93 -0.17
N GLU A 77 -14.46 9.72 -0.43
CA GLU A 77 -15.20 8.68 0.29
C GLU A 77 -14.57 7.32 0.01
N ALA A 78 -14.10 6.67 1.07
CA ALA A 78 -13.33 5.44 0.93
C ALA A 78 -13.05 4.90 2.32
N SER A 79 -12.53 3.68 2.34
CA SER A 79 -12.05 3.03 3.56
C SER A 79 -10.54 3.25 3.65
N TYR A 80 -10.08 3.82 4.75
CA TYR A 80 -8.68 4.17 4.93
C TYR A 80 -8.03 3.30 5.98
N GLU A 81 -6.78 2.92 5.75
CA GLU A 81 -5.98 2.21 6.73
C GLU A 81 -4.63 2.90 6.88
N CYS A 82 -4.14 2.96 8.11
CA CYS A 82 -2.76 3.35 8.38
C CYS A 82 -1.95 2.06 8.55
N GLN A 83 -0.82 1.97 7.86
CA GLN A 83 -0.05 0.73 7.83
C GLN A 83 1.42 1.00 8.14
N ALA A 84 1.99 0.13 8.99
CA ALA A 84 3.42 0.09 9.23
C ALA A 84 3.99 -0.97 8.29
N SER A 85 4.44 -0.53 7.10
CA SER A 85 4.65 -1.44 5.98
C SER A 85 5.72 -2.49 6.29
N GLN A 86 6.76 -2.11 7.02
CA GLN A 86 7.86 -3.03 7.27
C GLN A 86 7.57 -4.00 8.41
N ALA A 87 6.53 -3.75 9.20
CA ALA A 87 6.12 -4.62 10.27
C ALA A 87 4.88 -5.45 9.94
N GLY A 88 4.25 -5.20 8.79
CA GLY A 88 3.01 -5.86 8.46
C GLY A 88 1.81 -5.45 9.29
N LEU A 89 1.89 -4.34 10.02
CA LEU A 89 0.82 -3.89 10.90
C LEU A 89 -0.18 -3.05 10.12
N ARG A 90 -1.47 -3.35 10.28
CA ARG A 90 -2.54 -2.58 9.65
C ARG A 90 -3.50 -2.09 10.72
N SER A 91 -3.89 -0.83 10.62
CA SER A 91 -4.90 -0.33 11.55
C SER A 91 -6.27 -0.89 11.16
N ARG A 92 -7.21 -0.74 12.08
CA ARG A 92 -8.60 -0.97 11.72
C ARG A 92 -8.98 -0.03 10.58
N PRO A 93 -9.79 -0.48 9.62
CA PRO A 93 -10.19 0.41 8.53
C PRO A 93 -11.16 1.47 9.03
N ALA A 94 -10.99 2.69 8.51
CA ALA A 94 -11.81 3.83 8.89
C ALA A 94 -12.54 4.32 7.64
N GLN A 95 -13.86 4.39 7.71
CA GLN A 95 -14.66 4.85 6.58
C GLN A 95 -14.84 6.36 6.64
N LEU A 96 -14.43 7.05 5.58
CA LEU A 96 -14.65 8.48 5.45
C LEU A 96 -15.89 8.71 4.62
N HIS A 97 -16.90 9.34 5.21
CA HIS A 97 -18.11 9.75 4.51
C HIS A 97 -18.07 11.25 4.31
N VAL A 98 -18.54 11.69 3.14
CA VAL A 98 -18.62 13.11 2.84
C VAL A 98 -20.09 13.51 2.83
N MET A 99 -20.42 14.56 3.58
CA MET A 99 -21.79 15.05 3.64
CA MET A 99 -21.79 15.06 3.66
C MET A 99 -21.89 16.29 2.78
N VAL A 100 -22.92 16.36 1.95
CA VAL A 100 -23.17 17.47 1.03
C VAL A 100 -24.43 18.18 1.49
N PRO A 101 -24.34 19.40 2.01
CA PRO A 101 -25.55 20.16 2.34
C PRO A 101 -26.33 20.49 1.09
N HIS A 102 -27.65 20.49 1.21
CA HIS A 102 -28.52 20.65 0.05
C HIS A 102 -29.21 22.01 0.12
N HIS A 103 -28.83 22.91 -0.78
CA HIS A 103 -29.56 24.14 -1.04
C HIS A 103 -29.08 24.73 -2.36
N ALA B 1 2.44 11.05 -22.61
CA ALA B 1 1.38 10.08 -22.34
C ALA B 1 1.19 9.89 -20.84
N ASP B 2 0.02 9.39 -20.45
CA ASP B 2 -0.29 9.13 -19.06
C ASP B 2 0.35 7.83 -18.60
N PRO B 3 0.55 7.66 -17.29
CA PRO B 3 1.05 6.37 -16.79
C PRO B 3 0.13 5.22 -17.21
N HIS B 4 0.75 4.09 -17.56
CA HIS B 4 0.02 2.95 -18.08
C HIS B 4 0.82 1.68 -17.83
N PHE B 5 0.11 0.57 -17.67
CA PHE B 5 0.78 -0.72 -17.49
C PHE B 5 1.28 -1.25 -18.82
N LEU B 6 2.52 -1.74 -18.83
CA LEU B 6 3.05 -2.50 -19.96
C LEU B 6 3.01 -4.00 -19.70
N GLN B 7 2.98 -4.43 -18.44
CA GLN B 7 2.77 -5.81 -18.08
C GLN B 7 2.10 -5.87 -16.72
N GLN B 8 1.16 -6.78 -16.55
CA GLN B 8 0.45 -6.94 -15.29
C GLN B 8 0.52 -8.39 -14.84
N PRO B 9 0.49 -8.63 -13.53
CA PRO B 9 0.54 -10.01 -13.04
C PRO B 9 -0.79 -10.73 -13.26
N GLU B 10 -0.74 -12.05 -13.20
CA GLU B 10 -1.93 -12.85 -13.37
C GLU B 10 -1.94 -13.99 -12.35
N ASP B 11 -3.11 -14.60 -12.19
CA ASP B 11 -3.25 -15.73 -11.28
C ASP B 11 -2.21 -16.79 -11.62
N MET B 12 -1.61 -17.37 -10.58
CA MET B 12 -0.57 -18.35 -10.81
C MET B 12 -0.54 -19.35 -9.65
N VAL B 13 -0.02 -20.53 -9.96
CA VAL B 13 0.18 -21.60 -8.98
C VAL B 13 1.68 -21.84 -8.87
N VAL B 14 2.19 -21.84 -7.64
CA VAL B 14 3.60 -22.08 -7.38
C VAL B 14 3.72 -23.15 -6.30
N LEU B 15 4.81 -23.90 -6.35
CA LEU B 15 5.06 -24.98 -5.40
C LEU B 15 5.72 -24.43 -4.15
N LEU B 16 5.33 -24.99 -3.00
CA LEU B 16 5.95 -24.62 -1.74
C LEU B 16 7.47 -24.75 -1.83
N GLY B 17 8.17 -23.72 -1.35
CA GLY B 17 9.62 -23.73 -1.32
C GLY B 17 10.30 -23.28 -2.59
N GLU B 18 9.56 -23.04 -3.67
CA GLU B 18 10.15 -22.57 -4.91
C GLU B 18 10.13 -21.03 -4.95
N GLU B 19 10.58 -20.46 -6.07
CA GLU B 19 10.58 -19.02 -6.25
C GLU B 19 9.41 -18.62 -7.15
N ALA B 20 8.70 -17.57 -6.74
CA ALA B 20 7.61 -17.00 -7.52
C ALA B 20 8.04 -15.65 -8.10
N ARG B 21 7.60 -15.38 -9.32
CA ARG B 21 7.80 -14.09 -9.96
C ARG B 21 6.44 -13.57 -10.39
N LEU B 22 6.04 -12.43 -9.84
CA LEU B 22 4.81 -11.75 -10.26
C LEU B 22 5.21 -10.53 -11.06
N PRO B 23 4.99 -10.50 -12.37
CA PRO B 23 5.55 -9.44 -13.20
C PRO B 23 4.71 -8.17 -13.17
N CYS B 24 5.39 -7.04 -13.32
CA CYS B 24 4.72 -5.75 -13.45
C CYS B 24 5.65 -4.79 -14.17
N ALA B 25 5.11 -4.09 -15.16
CA ALA B 25 5.87 -3.07 -15.88
C ALA B 25 4.98 -1.86 -16.11
N LEU B 26 5.56 -0.68 -15.98
CA LEU B 26 4.84 0.57 -16.14
C LEU B 26 5.57 1.47 -17.12
N GLY B 27 4.80 2.13 -17.98
CA GLY B 27 5.33 3.12 -18.91
C GLY B 27 4.89 4.52 -18.51
N ALA B 28 5.70 5.50 -18.89
CA ALA B 28 5.41 6.92 -18.65
C ALA B 28 5.10 7.19 -17.18
N TYR B 29 5.94 6.65 -16.30
CA TYR B 29 5.72 6.81 -14.87
C TYR B 29 7.06 6.73 -14.15
N ARG B 30 7.41 7.79 -13.42
CA ARG B 30 8.69 7.86 -12.73
C ARG B 30 8.56 7.82 -11.22
N GLY B 31 7.35 7.66 -10.68
CA GLY B 31 7.14 7.71 -9.25
C GLY B 31 7.27 6.37 -8.56
N LEU B 32 6.81 6.34 -7.32
CA LEU B 32 6.87 5.15 -6.47
C LEU B 32 6.01 4.03 -7.04
N VAL B 33 6.57 2.82 -7.08
CA VAL B 33 5.86 1.60 -7.44
C VAL B 33 5.99 0.62 -6.29
N GLN B 34 4.88 0.00 -5.91
CA GLN B 34 4.93 -1.00 -4.85
C GLN B 34 3.83 -2.02 -5.04
N TRP B 35 3.92 -3.10 -4.28
CA TRP B 35 2.98 -4.20 -4.31
C TRP B 35 2.15 -4.24 -3.03
N THR B 36 0.88 -4.64 -3.17
CA THR B 36 0.07 -4.95 -2.01
C THR B 36 -0.23 -6.44 -1.98
N LYS B 37 -0.33 -6.98 -0.77
CA LYS B 37 -0.66 -8.37 -0.51
C LYS B 37 -1.91 -8.38 0.36
N ASP B 38 -3.04 -8.80 -0.21
CA ASP B 38 -4.34 -8.72 0.46
C ASP B 38 -4.59 -7.33 1.05
N GLY B 39 -4.17 -6.30 0.32
CA GLY B 39 -4.38 -4.93 0.76
C GLY B 39 -3.30 -4.34 1.64
N LEU B 40 -2.30 -5.12 2.01
CA LEU B 40 -1.18 -4.63 2.82
C LEU B 40 -0.03 -4.21 1.91
N ALA B 41 0.32 -2.93 1.94
CA ALA B 41 1.40 -2.44 1.08
C ALA B 41 2.75 -2.90 1.62
N LEU B 42 3.58 -3.46 0.74
CA LEU B 42 4.86 -4.02 1.16
C LEU B 42 5.98 -3.00 1.22
N GLY B 43 5.85 -1.89 0.52
CA GLY B 43 6.88 -0.86 0.50
C GLY B 43 7.52 -0.73 -0.88
N GLY B 44 8.30 0.34 -1.03
CA GLY B 44 8.90 0.66 -2.31
C GLY B 44 10.37 0.35 -2.45
N GLU B 45 11.11 0.23 -1.34
CA GLU B 45 12.53 -0.07 -1.44
C GLU B 45 12.72 -1.43 -2.09
N ARG B 46 13.70 -1.53 -2.98
CA ARG B 46 13.77 -2.67 -3.89
C ARG B 46 14.01 -3.98 -3.14
N ASP B 47 14.76 -3.97 -2.05
CA ASP B 47 14.94 -5.20 -1.30
C ASP B 47 13.80 -5.49 -0.33
N LEU B 48 12.78 -4.63 -0.27
CA LEU B 48 11.62 -4.79 0.60
C LEU B 48 12.05 -5.13 2.04
N PRO B 49 12.68 -4.19 2.73
CA PRO B 49 13.07 -4.44 4.12
C PRO B 49 11.86 -4.77 4.99
N GLY B 50 12.05 -5.71 5.91
CA GLY B 50 10.97 -6.20 6.74
C GLY B 50 10.30 -7.45 6.21
N TRP B 51 10.56 -7.81 4.95
CA TRP B 51 10.01 -8.99 4.30
C TRP B 51 11.20 -9.79 3.79
N SER B 52 11.71 -10.70 4.61
CA SER B 52 12.99 -11.34 4.30
C SER B 52 12.93 -12.14 3.01
N ARG B 53 11.76 -12.65 2.63
CA ARG B 53 11.63 -13.53 1.47
C ARG B 53 11.12 -12.81 0.22
N TYR B 54 10.81 -11.51 0.31
CA TYR B 54 10.28 -10.75 -0.82
C TYR B 54 11.29 -9.71 -1.28
N TRP B 55 11.32 -9.47 -2.60
CA TRP B 55 12.07 -8.34 -3.14
C TRP B 55 11.49 -7.98 -4.50
N ILE B 56 11.86 -6.78 -4.98
CA ILE B 56 11.45 -6.29 -6.28
C ILE B 56 12.65 -6.34 -7.21
N SER B 57 12.46 -6.92 -8.39
CA SER B 57 13.54 -7.04 -9.36
C SER B 57 13.14 -6.35 -10.65
N GLY B 58 14.15 -6.04 -11.45
CA GLY B 58 13.94 -5.35 -12.70
C GLY B 58 14.51 -3.94 -12.67
N ASN B 59 14.80 -3.43 -13.85
CA ASN B 59 15.35 -2.08 -14.00
C ASN B 59 14.21 -1.08 -13.82
N SER B 60 14.26 -0.32 -12.72
CA SER B 60 13.19 0.63 -12.43
C SER B 60 13.13 1.75 -13.47
N ALA B 61 14.28 2.17 -14.01
CA ALA B 61 14.28 3.21 -15.02
C ALA B 61 13.60 2.75 -16.31
N SER B 62 13.72 1.47 -16.63
CA SER B 62 13.02 0.87 -17.76
C SER B 62 11.57 0.52 -17.45
N GLY B 63 11.14 0.70 -16.21
CA GLY B 63 9.75 0.49 -15.85
C GLY B 63 9.39 -0.90 -15.37
N GLN B 64 10.36 -1.76 -15.05
CA GLN B 64 10.08 -3.12 -14.60
C GLN B 64 10.12 -3.17 -13.08
N HIS B 65 9.10 -3.78 -12.47
CA HIS B 65 8.94 -3.81 -11.02
C HIS B 65 8.34 -5.16 -10.59
N ASP B 66 9.06 -6.23 -10.88
CA ASP B 66 8.55 -7.58 -10.62
C ASP B 66 8.71 -7.93 -9.14
N LEU B 67 7.66 -8.51 -8.55
CA LEU B 67 7.74 -9.00 -7.18
C LEU B 67 8.23 -10.44 -7.19
N HIS B 68 9.29 -10.71 -6.44
CA HIS B 68 9.83 -12.06 -6.28
C HIS B 68 9.63 -12.54 -4.86
N ILE B 69 9.32 -13.82 -4.71
CA ILE B 69 9.16 -14.47 -3.42
C ILE B 69 10.00 -15.74 -3.43
N LYS B 70 10.91 -15.87 -2.46
CA LYS B 70 11.72 -17.07 -2.35
C LYS B 70 12.25 -17.25 -0.94
N PRO B 71 12.01 -18.40 -0.29
CA PRO B 71 11.16 -19.48 -0.77
C PRO B 71 9.69 -19.21 -0.51
N VAL B 72 8.81 -19.72 -1.38
CA VAL B 72 7.38 -19.53 -1.18
C VAL B 72 6.91 -20.33 0.02
N GLU B 73 6.07 -19.71 0.85
CA GLU B 73 5.47 -20.36 2.02
CA GLU B 73 5.47 -20.35 2.02
C GLU B 73 3.96 -20.34 1.89
N LEU B 74 3.30 -21.13 2.75
CA LEU B 74 1.84 -21.22 2.73
C LEU B 74 1.20 -19.86 2.97
N GLU B 75 1.81 -19.02 3.81
CA GLU B 75 1.31 -17.70 4.12
C GLU B 75 1.36 -16.75 2.93
N ASP B 76 2.03 -17.13 1.84
CA ASP B 76 2.09 -16.26 0.67
C ASP B 76 0.85 -16.36 -0.21
N GLU B 77 -0.02 -17.35 0.03
CA GLU B 77 -1.25 -17.45 -0.73
C GLU B 77 -2.12 -16.22 -0.45
N ALA B 78 -2.31 -15.38 -1.45
CA ALA B 78 -2.94 -14.07 -1.26
C ALA B 78 -3.21 -13.45 -2.62
N SER B 79 -3.87 -12.31 -2.60
CA SER B 79 -4.13 -11.51 -3.81
C SER B 79 -3.15 -10.35 -3.86
N TYR B 80 -2.43 -10.23 -4.96
CA TYR B 80 -1.36 -9.25 -5.11
C TYR B 80 -1.74 -8.21 -6.16
N GLU B 81 -1.38 -6.95 -5.91
CA GLU B 81 -1.52 -5.88 -6.88
C GLU B 81 -0.21 -5.13 -7.02
N CYS B 82 0.10 -4.75 -8.25
CA CYS B 82 1.15 -3.79 -8.55
C CYS B 82 0.52 -2.41 -8.67
N GLN B 83 1.09 -1.42 -8.00
CA GLN B 83 0.45 -0.11 -7.94
C GLN B 83 1.45 1.00 -8.21
N ALA B 84 1.05 1.95 -9.05
CA ALA B 84 1.79 3.20 -9.25
C ALA B 84 1.20 4.20 -8.28
N SER B 85 1.82 4.30 -7.09
CA SER B 85 1.17 4.93 -5.95
C SER B 85 0.87 6.40 -6.19
N GLN B 86 1.75 7.09 -6.93
CA GLN B 86 1.58 8.54 -7.10
C GLN B 86 0.58 8.87 -8.20
N ALA B 87 0.26 7.92 -9.07
CA ALA B 87 -0.73 8.14 -10.13
C ALA B 87 -2.08 7.49 -9.82
N GLY B 88 -2.17 6.71 -8.75
CA GLY B 88 -3.41 6.05 -8.42
C GLY B 88 -3.76 4.88 -9.33
N LEU B 89 -2.77 4.32 -10.01
CA LEU B 89 -3.00 3.24 -10.96
C LEU B 89 -2.76 1.89 -10.28
N ARG B 90 -3.71 0.97 -10.45
CA ARG B 90 -3.63 -0.35 -9.83
C ARG B 90 -3.78 -1.44 -10.88
N SER B 91 -2.94 -2.46 -10.79
CA SER B 91 -3.08 -3.61 -11.68
C SER B 91 -4.32 -4.42 -11.30
N ARG B 92 -4.72 -5.29 -12.22
CA ARG B 92 -5.65 -6.35 -11.87
C ARG B 92 -5.06 -7.16 -10.72
N PRO B 93 -5.87 -7.61 -9.77
CA PRO B 93 -5.34 -8.43 -8.69
C PRO B 93 -4.94 -9.80 -9.21
N ALA B 94 -3.83 -10.32 -8.69
CA ALA B 94 -3.32 -11.62 -9.10
C ALA B 94 -3.31 -12.54 -7.89
N GLN B 95 -4.04 -13.66 -7.99
CA GLN B 95 -4.09 -14.61 -6.90
C GLN B 95 -2.92 -15.58 -7.02
N LEU B 96 -2.13 -15.68 -5.95
CA LEU B 96 -1.05 -16.65 -5.86
C LEU B 96 -1.57 -17.86 -5.11
N HIS B 97 -1.55 -19.02 -5.75
CA HIS B 97 -1.93 -20.29 -5.13
C HIS B 97 -0.67 -21.07 -4.80
N VAL B 98 -0.62 -21.63 -3.60
CA VAL B 98 0.55 -22.38 -3.13
C VAL B 98 0.15 -23.84 -2.97
N MET B 99 0.78 -24.71 -3.73
CA MET B 99 0.51 -26.13 -3.65
C MET B 99 1.63 -26.81 -2.88
N VAL B 100 1.26 -27.73 -1.98
CA VAL B 100 2.20 -28.47 -1.17
C VAL B 100 2.58 -29.74 -1.94
N PRO B 101 3.86 -29.96 -2.21
CA PRO B 101 4.26 -31.22 -2.83
C PRO B 101 4.08 -32.37 -1.85
N HIS B 102 3.58 -33.48 -2.37
CA HIS B 102 3.46 -34.72 -1.64
C HIS B 102 4.56 -35.66 -2.10
N HIS B 103 5.21 -36.31 -1.15
CA HIS B 103 6.40 -37.10 -1.43
C HIS B 103 6.24 -38.46 -0.78
N HIS B 104 6.94 -39.44 -1.36
CA HIS B 104 7.10 -40.77 -0.79
C HIS B 104 8.05 -41.58 -1.67
NA NA C . 0.19 15.51 -1.53
NA NA D . 12.80 -8.14 1.45
#